data_7O4W
#
_entry.id   7O4W
#
_cell.length_a   97.996
_cell.length_b   97.996
_cell.length_c   98.267
_cell.angle_alpha   90.000
_cell.angle_beta   90.000
_cell.angle_gamma   120.000
#
_symmetry.space_group_name_H-M   'P 31 1 2'
#
loop_
_entity.id
_entity.type
_entity.pdbx_description
1 polymer 'Diphtheria toxin'
2 non-polymer 1-hydroxypropan-2-one
3 non-polymer 1,2-ETHANEDIOL
4 non-polymer 'TRIETHYLENE GLYCOL'
5 non-polymer 'ACETATE ION'
6 water water
#
_entity_poly.entity_id   1
_entity_poly.type   'polypeptide(L)'
_entity_poly.pdbx_seq_one_letter_code
;GADDVVDSSKSFVMENFSSYHGTKPGYVDSIQKGIQKPKSGTQGNYDDDWKEFYSTDNKYDAAGYSVDNENPLSGKAGGV
VKVTYPGLTKVLALKVDNAETIKKELGLSLTEPLMEQVGTEEFIKRFGDGASRVVLSLPFAEGSSSVEYINNWEQAKALS
VELEINFETRGKRGQDAMYEYMAQACAGNRVRRSVGSSLSCINLDWDVIRDKTKTKIESLKEHGPIKNKMSESPNKTVSE
EKAKQYLEEFHQTALEHPELSELKTVTGTNPVFAGANYAAWAVNVAQVIDSETADNLEKTTAALSILPGIGSVMGIADGA
VHHNTEEIVAQSIALSSLMVAQAIPLVGELVDIGFAAYNFVESIINLFQVVHNSYNRPAYSPGHKTQPFLHDGYAVSWNT
VEDSIIRTGFQGESGHDIKITAENTPLPIAGVLLPTIPGKLDVNKSKTHISVNGRKIRMRCRAIDGDVTFCRPKSPVYVG
NGVHANLHVAFHRSSSEKIHSNEISSDSIGVLGYQKTVDHTKVNSKLSLFFEIKS
;
_entity_poly.pdbx_strand_id   A
#
# COMPACT_ATOMS: atom_id res chain seq x y z
N GLY A 1 -14.37 14.43 28.86
CA GLY A 1 -15.65 13.81 29.14
C GLY A 1 -15.84 12.55 28.31
N ALA A 2 -16.94 11.83 28.57
CA ALA A 2 -17.19 10.57 27.86
C ALA A 2 -17.22 10.77 26.35
N ASP A 3 -17.71 11.92 25.88
CA ASP A 3 -17.65 12.20 24.45
C ASP A 3 -16.22 12.38 23.95
N ASP A 4 -15.23 12.52 24.85
CA ASP A 4 -13.84 12.55 24.41
C ASP A 4 -13.33 11.16 24.04
N VAL A 5 -13.93 10.10 24.59
CA VAL A 5 -13.49 8.73 24.30
C VAL A 5 -14.55 7.91 23.56
N VAL A 6 -15.81 8.32 23.52
CA VAL A 6 -16.88 7.57 22.88
C VAL A 6 -17.57 8.43 21.82
N ASP A 7 -17.85 7.82 20.66
CA ASP A 7 -18.54 8.47 19.54
C ASP A 7 -19.98 7.95 19.51
N SER A 8 -20.91 8.73 20.09
CA SER A 8 -22.31 8.32 20.12
C SER A 8 -22.91 8.19 18.73
N SER A 9 -22.38 8.91 17.74
CA SER A 9 -22.97 8.82 16.41
C SER A 9 -22.70 7.45 15.81
N LYS A 10 -21.47 6.93 15.96
CA LYS A 10 -21.17 5.61 15.44
C LYS A 10 -21.48 4.46 16.40
N SER A 11 -21.86 4.75 17.64
CA SER A 11 -22.44 3.74 18.53
C SER A 11 -23.87 3.42 18.10
N PHE A 12 -24.33 2.23 18.44
CA PHE A 12 -25.67 1.81 18.04
C PHE A 12 -26.06 0.54 18.77
N VAL A 13 -27.28 0.09 18.49
CA VAL A 13 -27.78 -1.18 19.02
C VAL A 13 -28.34 -1.99 17.86
N MET A 14 -28.09 -3.30 17.87
CA MET A 14 -28.50 -4.17 16.79
C MET A 14 -29.09 -5.44 17.38
N GLU A 15 -29.99 -6.07 16.65
CA GLU A 15 -30.50 -7.39 17.02
C GLU A 15 -29.79 -8.40 16.13
N ASN A 16 -29.19 -9.42 16.75
CA ASN A 16 -28.42 -10.43 16.02
C ASN A 16 -27.19 -9.81 15.34
N PHE A 17 -26.38 -9.12 16.14
CA PHE A 17 -25.18 -8.44 15.64
C PHE A 17 -24.14 -9.47 15.23
N SER A 18 -23.84 -9.50 13.94
CA SER A 18 -22.86 -10.43 13.39
C SER A 18 -21.60 -9.70 12.92
N SER A 19 -20.49 -10.42 12.96
CA SER A 19 -19.21 -9.91 12.47
C SER A 19 -18.36 -11.12 12.10
N TYR A 20 -17.11 -10.87 11.69
CA TYR A 20 -16.36 -11.93 11.06
C TYR A 20 -15.00 -12.14 11.73
N HIS A 21 -14.49 -13.37 11.63
CA HIS A 21 -13.27 -13.72 12.33
C HIS A 21 -12.47 -14.64 11.43
N GLY A 22 -11.22 -14.26 11.17
CA GLY A 22 -10.33 -15.11 10.40
C GLY A 22 -9.83 -16.24 11.28
N THR A 23 -9.76 -17.44 10.69
CA THR A 23 -9.50 -18.69 11.40
C THR A 23 -8.40 -19.46 10.69
N LYS A 24 -7.37 -19.88 11.46
CA LYS A 24 -6.20 -20.57 10.96
C LYS A 24 -6.55 -22.01 10.56
N PRO A 25 -5.84 -22.58 9.59
CA PRO A 25 -6.08 -23.99 9.24
C PRO A 25 -6.06 -24.88 10.48
N GLY A 26 -6.93 -25.87 10.47
CA GLY A 26 -7.06 -26.74 11.62
C GLY A 26 -8.03 -26.27 12.68
N TYR A 27 -8.48 -25.01 12.63
CA TYR A 27 -9.48 -24.55 13.58
C TYR A 27 -10.78 -24.15 12.92
N VAL A 28 -10.93 -24.32 11.60
CA VAL A 28 -12.16 -23.87 10.95
C VAL A 28 -13.36 -24.66 11.46
N ASP A 29 -13.23 -25.97 11.62
CA ASP A 29 -14.36 -26.72 12.17
C ASP A 29 -14.46 -26.56 13.68
N SER A 30 -13.32 -26.61 14.40
CA SER A 30 -13.39 -26.60 15.87
C SER A 30 -13.93 -25.28 16.43
N ILE A 31 -13.62 -24.15 15.79
CA ILE A 31 -14.13 -22.89 16.27
C ILE A 31 -15.66 -22.84 16.15
N GLN A 32 -16.24 -23.52 15.17
CA GLN A 32 -17.68 -23.45 15.04
C GLN A 32 -18.43 -24.13 16.18
N LYS A 33 -17.73 -24.86 17.07
CA LYS A 33 -18.38 -25.36 18.27
C LYS A 33 -18.59 -24.25 19.30
N GLY A 34 -17.75 -23.24 19.29
CA GLY A 34 -17.92 -22.14 20.22
C GLY A 34 -16.65 -21.31 20.43
N ILE A 35 -16.82 -20.05 20.76
CA ILE A 35 -15.69 -19.18 21.00
C ILE A 35 -15.16 -19.43 22.39
N GLN A 36 -13.89 -19.74 22.52
CA GLN A 36 -13.33 -19.99 23.82
C GLN A 36 -11.93 -19.47 23.97
N LYS A 37 -11.60 -18.98 25.15
CA LYS A 37 -10.30 -18.42 25.38
C LYS A 37 -9.25 -19.52 25.28
N PRO A 38 -8.16 -19.30 24.56
CA PRO A 38 -7.11 -20.33 24.47
C PRO A 38 -6.37 -20.47 25.80
N LYS A 39 -5.58 -21.54 25.88
CA LYS A 39 -4.83 -21.85 27.10
C LYS A 39 -3.80 -20.74 27.41
N SER A 40 -3.29 -20.77 28.64
CA SER A 40 -2.47 -19.68 29.18
C SER A 40 -1.20 -19.44 28.35
N GLY A 41 -0.95 -18.17 28.04
CA GLY A 41 0.19 -17.80 27.21
C GLY A 41 0.07 -18.26 25.78
N ASN A 45 -1.23 -10.96 28.81
CA ASN A 45 -0.17 -10.94 27.81
C ASN A 45 0.50 -9.56 27.78
N TYR A 46 0.23 -8.77 26.74
CA TYR A 46 0.92 -7.49 26.59
C TYR A 46 0.24 -6.36 27.33
N ASP A 47 -1.06 -6.47 27.59
CA ASP A 47 -1.80 -5.44 28.31
C ASP A 47 -2.98 -6.11 28.98
N ASP A 48 -2.97 -6.15 30.32
CA ASP A 48 -4.08 -6.73 31.07
C ASP A 48 -5.42 -6.11 30.67
N ASP A 49 -5.43 -4.80 30.38
CA ASP A 49 -6.70 -4.16 30.02
C ASP A 49 -7.23 -4.66 28.69
N TRP A 50 -6.40 -5.19 27.82
CA TRP A 50 -6.87 -5.58 26.49
C TRP A 50 -6.94 -7.06 26.16
N LYS A 51 -7.56 -7.83 27.05
CA LYS A 51 -7.75 -9.25 26.82
C LYS A 51 -9.05 -9.34 26.06
N GLU A 52 -9.07 -10.04 24.94
CA GLU A 52 -10.29 -10.03 24.19
C GLU A 52 -10.34 -10.93 22.98
N PHE A 53 -11.52 -11.14 22.46
CA PHE A 53 -11.69 -11.92 21.26
C PHE A 53 -11.98 -10.88 20.20
N TYR A 54 -11.26 -10.94 19.09
CA TYR A 54 -11.38 -9.98 18.02
C TYR A 54 -12.16 -10.35 16.78
N SER A 55 -13.04 -9.48 16.31
CA SER A 55 -13.75 -9.69 15.05
C SER A 55 -13.78 -8.38 14.25
N THR A 56 -14.46 -8.39 13.10
CA THR A 56 -14.46 -7.23 12.24
C THR A 56 -15.71 -7.24 11.37
N ASP A 57 -16.06 -6.05 10.85
CA ASP A 57 -17.23 -5.90 9.97
C ASP A 57 -16.92 -6.31 8.55
N ASN A 58 -15.67 -6.53 8.24
CA ASN A 58 -15.25 -6.75 6.87
C ASN A 58 -14.73 -8.16 6.77
N LYS A 59 -15.50 -9.03 6.11
CA LYS A 59 -15.07 -10.41 6.00
C LYS A 59 -13.78 -10.54 5.21
N TYR A 60 -13.49 -9.56 4.34
CA TYR A 60 -12.30 -9.63 3.50
C TYR A 60 -11.05 -9.25 4.28
N ASP A 61 -11.13 -8.25 5.15
CA ASP A 61 -10.04 -8.04 6.09
C ASP A 61 -9.85 -9.25 7.00
N ALA A 62 -10.95 -9.85 7.49
CA ALA A 62 -10.84 -11.02 8.35
C ALA A 62 -10.07 -12.13 7.67
N ALA A 63 -10.23 -12.29 6.36
CA ALA A 63 -9.52 -13.34 5.64
C ALA A 63 -7.99 -13.22 5.72
N GLY A 64 -7.49 -12.04 6.03
CA GLY A 64 -6.06 -11.84 6.13
C GLY A 64 -5.44 -12.36 7.39
N TYR A 65 -6.25 -12.69 8.38
CA TYR A 65 -5.73 -13.23 9.61
C TYR A 65 -5.91 -14.72 9.69
N SER A 66 -6.10 -15.37 8.56
CA SER A 66 -6.36 -16.79 8.54
C SER A 66 -5.21 -17.70 8.12
N VAL A 67 -4.01 -17.16 8.00
CA VAL A 67 -2.89 -17.95 7.53
C VAL A 67 -2.18 -18.63 8.69
N ASP A 68 -1.83 -19.91 8.49
CA ASP A 68 -0.89 -20.69 9.30
C ASP A 68 0.18 -19.86 10.01
N ASN A 69 0.09 -19.82 11.35
CA ASN A 69 0.99 -19.04 12.18
C ASN A 69 2.44 -19.48 12.07
N GLU A 70 2.69 -20.75 11.72
CA GLU A 70 4.06 -21.22 11.59
C GLU A 70 4.65 -20.93 10.21
N ASN A 71 3.80 -20.61 9.24
CA ASN A 71 4.25 -20.15 7.92
C ASN A 71 3.44 -18.92 7.50
N PRO A 72 3.61 -17.80 8.20
CA PRO A 72 2.67 -16.66 8.02
C PRO A 72 2.76 -16.01 6.64
N LEU A 73 3.92 -16.01 6.00
CA LEU A 73 4.07 -15.37 4.70
C LEU A 73 3.42 -16.17 3.60
N SER A 74 3.62 -17.50 3.61
CA SER A 74 3.28 -18.33 2.45
C SER A 74 2.38 -19.52 2.76
N GLY A 75 2.00 -19.74 4.01
CA GLY A 75 1.29 -20.94 4.39
C GLY A 75 -0.17 -20.92 3.97
N LYS A 76 -0.87 -21.98 4.34
CA LYS A 76 -2.27 -22.12 3.96
C LYS A 76 -3.14 -21.22 4.83
N ALA A 77 -4.23 -20.74 4.25
CA ALA A 77 -5.26 -20.01 4.95
C ALA A 77 -6.41 -20.94 5.28
N GLY A 78 -6.93 -20.83 6.50
CA GLY A 78 -8.05 -21.65 6.92
C GLY A 78 -9.34 -21.14 6.32
N GLY A 79 -9.97 -20.18 6.98
CA GLY A 79 -11.13 -19.55 6.39
C GLY A 79 -11.61 -18.39 7.23
N VAL A 80 -12.85 -17.98 6.97
CA VAL A 80 -13.52 -16.97 7.76
C VAL A 80 -14.80 -17.56 8.29
N VAL A 81 -15.09 -17.31 9.57
CA VAL A 81 -16.37 -17.65 10.16
C VAL A 81 -17.12 -16.38 10.50
N LYS A 82 -18.44 -16.48 10.44
CA LYS A 82 -19.34 -15.42 10.87
C LYS A 82 -19.83 -15.74 12.27
N VAL A 83 -19.74 -14.76 13.14
CA VAL A 83 -20.05 -14.95 14.55
C VAL A 83 -21.17 -13.97 14.90
N THR A 84 -22.24 -14.49 15.50
CA THR A 84 -23.47 -13.72 15.70
C THR A 84 -23.92 -13.80 17.15
N TYR A 85 -24.30 -12.67 17.72
CA TYR A 85 -24.80 -12.62 19.07
C TYR A 85 -26.32 -12.72 18.98
N PRO A 86 -26.90 -13.56 19.81
CA PRO A 86 -28.34 -13.69 19.82
C PRO A 86 -28.88 -12.57 20.65
N GLY A 87 -29.93 -11.94 20.17
CA GLY A 87 -30.51 -10.86 20.91
C GLY A 87 -30.10 -9.50 20.46
N LEU A 88 -29.93 -8.62 21.43
CA LEU A 88 -29.59 -7.26 21.16
C LEU A 88 -28.27 -6.87 21.77
N THR A 89 -27.40 -6.33 20.93
CA THR A 89 -26.08 -5.92 21.37
C THR A 89 -25.90 -4.43 21.18
N LYS A 90 -25.30 -3.80 22.18
CA LYS A 90 -24.89 -2.41 22.07
C LYS A 90 -23.43 -2.40 21.61
N VAL A 91 -23.19 -1.89 20.41
CA VAL A 91 -21.84 -1.59 19.96
C VAL A 91 -21.51 -0.15 20.34
N LEU A 92 -20.45 0.00 21.13
CA LEU A 92 -19.98 1.30 21.59
C LEU A 92 -18.70 1.64 20.85
N ALA A 93 -18.76 2.71 20.07
CA ALA A 93 -17.62 3.14 19.27
C ALA A 93 -16.67 4.01 20.11
N LEU A 94 -15.37 3.70 20.04
CA LEU A 94 -14.39 4.49 20.78
C LEU A 94 -13.65 5.47 19.86
N LYS A 95 -13.22 6.59 20.48
CA LYS A 95 -12.40 7.58 19.79
C LYS A 95 -10.90 7.42 20.04
N VAL A 96 -10.51 6.66 21.07
CA VAL A 96 -9.12 6.48 21.43
C VAL A 96 -8.97 5.03 21.86
N ASP A 97 -7.74 4.51 21.80
CA ASP A 97 -7.52 3.13 22.20
C ASP A 97 -6.64 3.03 23.46
N ASN A 98 -6.66 4.05 24.30
CA ASN A 98 -5.85 4.08 25.51
C ASN A 98 -6.73 3.68 26.68
N ALA A 99 -6.39 2.53 27.29
CA ALA A 99 -7.25 1.99 28.33
C ALA A 99 -7.36 2.93 29.52
N GLU A 100 -6.26 3.59 29.91
CA GLU A 100 -6.33 4.48 31.07
C GLU A 100 -7.27 5.65 30.78
N THR A 101 -7.13 6.28 29.61
CA THR A 101 -7.99 7.39 29.25
C THR A 101 -9.45 6.96 29.19
N ILE A 102 -9.73 5.83 28.53
CA ILE A 102 -11.10 5.31 28.43
C ILE A 102 -11.68 5.05 29.81
N LYS A 103 -10.87 4.49 30.71
CA LYS A 103 -11.36 4.16 32.04
C LYS A 103 -11.67 5.43 32.84
N LYS A 104 -10.77 6.38 32.83
CA LYS A 104 -11.02 7.57 33.57
C LYS A 104 -12.20 8.35 33.01
N GLU A 105 -12.25 8.53 31.72
CA GLU A 105 -13.29 9.38 31.15
C GLU A 105 -14.68 8.76 31.21
N LEU A 106 -14.79 7.43 31.30
CA LEU A 106 -16.08 6.78 31.41
C LEU A 106 -16.47 6.54 32.87
N GLY A 107 -15.75 7.13 33.80
CA GLY A 107 -16.11 7.01 35.21
C GLY A 107 -16.08 5.59 35.72
N LEU A 108 -15.34 4.72 35.07
CA LEU A 108 -15.25 3.36 35.59
C LEU A 108 -13.95 3.18 36.36
N SER A 109 -13.88 2.05 37.01
CA SER A 109 -12.78 1.70 37.85
C SER A 109 -11.51 1.59 37.09
N LEU A 110 -10.45 2.18 37.61
CA LEU A 110 -9.16 2.10 36.97
C LEU A 110 -8.33 0.97 37.51
N THR A 111 -8.92 0.08 38.28
CA THR A 111 -8.20 -1.00 38.88
C THR A 111 -8.52 -2.32 38.27
N GLU A 112 -9.51 -2.35 37.39
CA GLU A 112 -9.87 -3.61 36.80
C GLU A 112 -9.72 -3.48 35.30
N PRO A 113 -9.19 -4.49 34.64
CA PRO A 113 -9.02 -4.39 33.18
C PRO A 113 -10.26 -3.84 32.53
N LEU A 114 -10.05 -2.95 31.55
CA LEU A 114 -11.15 -2.42 30.76
C LEU A 114 -12.05 -3.54 30.26
N MET A 115 -11.46 -4.50 29.53
CA MET A 115 -12.28 -5.51 28.87
C MET A 115 -13.03 -6.39 29.88
N GLU A 116 -12.47 -6.56 31.08
CA GLU A 116 -13.20 -7.24 32.14
C GLU A 116 -14.50 -6.51 32.44
N GLN A 117 -14.41 -5.21 32.71
CA GLN A 117 -15.58 -4.43 33.10
C GLN A 117 -16.60 -4.37 31.97
N VAL A 118 -16.14 -4.29 30.72
CA VAL A 118 -17.07 -4.31 29.61
C VAL A 118 -18.02 -5.52 29.68
N GLY A 119 -17.58 -6.61 30.30
CA GLY A 119 -18.38 -7.81 30.32
C GLY A 119 -19.24 -8.02 31.55
N THR A 120 -19.26 -7.08 32.49
CA THR A 120 -20.00 -7.21 33.73
C THR A 120 -21.39 -6.60 33.60
N GLU A 121 -22.34 -7.17 34.36
CA GLU A 121 -23.75 -6.78 34.27
C GLU A 121 -23.95 -5.30 34.60
N GLU A 122 -23.17 -4.79 35.54
CA GLU A 122 -23.19 -3.38 35.90
C GLU A 122 -22.97 -2.50 34.67
N PHE A 123 -21.75 -2.56 34.13
CA PHE A 123 -21.32 -1.74 33.01
C PHE A 123 -22.32 -1.78 31.86
N ILE A 124 -23.02 -2.90 31.70
CA ILE A 124 -23.85 -3.07 30.52
C ILE A 124 -25.29 -2.62 30.77
N LYS A 125 -25.84 -2.85 31.97
CA LYS A 125 -27.07 -2.15 32.29
C LYS A 125 -26.86 -0.64 32.18
N ARG A 126 -25.66 -0.18 32.45
CA ARG A 126 -25.40 1.23 32.40
C ARG A 126 -25.13 1.83 31.02
N PHE A 127 -24.45 1.10 30.14
CA PHE A 127 -24.13 1.55 28.80
C PHE A 127 -24.84 0.74 27.74
N GLY A 128 -25.58 -0.30 28.12
CA GLY A 128 -26.12 -1.11 27.05
C GLY A 128 -27.38 -0.58 26.43
N ASP A 129 -28.03 0.40 27.05
CA ASP A 129 -29.32 0.91 26.58
C ASP A 129 -30.30 -0.23 26.32
N GLY A 130 -30.33 -1.18 27.25
CA GLY A 130 -31.19 -2.33 27.14
C GLY A 130 -30.62 -3.48 26.33
N ALA A 131 -29.30 -3.66 26.33
CA ALA A 131 -28.68 -4.68 25.48
C ALA A 131 -28.27 -5.87 26.33
N SER A 132 -28.21 -7.04 25.66
CA SER A 132 -27.76 -8.23 26.33
C SER A 132 -26.25 -8.23 26.51
N ARG A 133 -25.50 -7.60 25.60
CA ARG A 133 -24.06 -7.45 25.81
C ARG A 133 -23.56 -6.19 25.12
N VAL A 134 -22.34 -5.83 25.46
CA VAL A 134 -21.66 -4.65 25.01
C VAL A 134 -20.39 -5.00 24.26
N VAL A 135 -20.25 -4.55 23.04
CA VAL A 135 -19.04 -4.82 22.30
C VAL A 135 -18.41 -3.52 21.89
N LEU A 136 -17.12 -3.37 22.12
CA LEU A 136 -16.44 -2.16 21.76
C LEU A 136 -16.03 -2.14 20.31
N SER A 137 -15.93 -0.95 19.76
CA SER A 137 -15.53 -0.81 18.40
C SER A 137 -14.41 0.15 18.27
N LEU A 138 -13.55 -0.11 17.31
CA LEU A 138 -12.46 0.76 17.02
C LEU A 138 -12.20 0.84 15.55
N PRO A 139 -11.54 1.89 15.14
CA PRO A 139 -11.18 2.05 13.74
C PRO A 139 -10.24 0.91 13.41
N PHE A 140 -10.45 0.21 12.31
CA PHE A 140 -9.60 -0.94 12.04
C PHE A 140 -8.14 -0.51 11.96
N ALA A 141 -7.85 0.49 11.13
CA ALA A 141 -6.48 0.92 10.88
C ALA A 141 -6.49 2.25 10.11
N GLU A 142 -5.32 2.90 10.08
CA GLU A 142 -5.16 4.08 9.22
C GLU A 142 -5.24 3.70 7.74
N GLY A 143 -5.98 4.49 6.98
CA GLY A 143 -6.25 4.18 5.58
C GLY A 143 -7.37 3.20 5.36
N SER A 144 -8.10 2.82 6.39
CA SER A 144 -9.15 1.83 6.27
C SER A 144 -10.46 2.38 6.82
N SER A 145 -11.56 1.92 6.23
CA SER A 145 -12.89 2.23 6.71
C SER A 145 -13.50 1.08 7.48
N SER A 146 -12.78 -0.02 7.62
CA SER A 146 -13.30 -1.17 8.34
C SER A 146 -13.36 -0.87 9.82
N VAL A 147 -14.10 -1.71 10.52
CA VAL A 147 -14.35 -1.61 11.94
C VAL A 147 -13.81 -2.85 12.61
N GLU A 148 -13.10 -2.66 13.71
CA GLU A 148 -12.63 -3.77 14.54
C GLU A 148 -13.51 -3.85 15.78
N TYR A 149 -13.91 -5.08 16.14
CA TYR A 149 -14.76 -5.35 17.28
C TYR A 149 -13.97 -6.09 18.34
N ILE A 150 -14.15 -5.64 19.58
CA ILE A 150 -13.46 -6.23 20.70
C ILE A 150 -14.53 -6.79 21.63
N ASN A 151 -14.51 -8.13 21.73
CA ASN A 151 -15.49 -8.93 22.44
C ASN A 151 -14.95 -9.43 23.76
N ASN A 152 -15.70 -9.16 24.84
CA ASN A 152 -15.46 -9.77 26.12
C ASN A 152 -15.60 -11.30 25.99
N TRP A 153 -14.56 -12.02 26.42
CA TRP A 153 -14.50 -13.48 26.25
C TRP A 153 -15.75 -14.16 26.80
N GLU A 154 -16.00 -13.95 28.07
CA GLU A 154 -17.16 -14.55 28.69
C GLU A 154 -18.36 -14.24 27.84
N GLN A 155 -18.63 -12.98 27.63
CA GLN A 155 -19.79 -12.62 26.80
C GLN A 155 -19.73 -13.28 25.44
N ALA A 156 -18.52 -13.57 24.92
CA ALA A 156 -18.40 -14.18 23.61
C ALA A 156 -18.83 -15.64 23.62
N LYS A 157 -18.82 -16.29 24.79
CA LYS A 157 -19.46 -17.62 24.91
C LYS A 157 -20.87 -17.65 24.32
N ALA A 158 -21.54 -16.53 24.28
CA ALA A 158 -22.87 -16.51 23.76
C ALA A 158 -22.92 -16.54 22.26
N LEU A 159 -21.81 -16.25 21.61
CA LEU A 159 -21.77 -16.21 20.16
C LEU A 159 -22.11 -17.50 19.47
N SER A 160 -22.81 -17.36 18.37
CA SER A 160 -23.16 -18.43 17.50
C SER A 160 -22.18 -18.32 16.34
N VAL A 161 -21.60 -19.44 15.92
CA VAL A 161 -20.59 -19.44 14.87
C VAL A 161 -20.85 -20.30 13.67
N GLU A 162 -20.72 -19.74 12.48
CA GLU A 162 -20.90 -20.52 11.28
C GLU A 162 -19.85 -20.20 10.23
N LEU A 163 -19.81 -21.01 9.21
CA LEU A 163 -18.85 -20.84 8.14
C LEU A 163 -19.23 -19.81 7.12
N GLU A 164 -18.27 -18.96 6.77
CA GLU A 164 -18.39 -18.04 5.65
C GLU A 164 -17.62 -18.62 4.51
N ILE A 165 -16.35 -18.86 4.69
CA ILE A 165 -15.63 -19.52 3.61
C ILE A 165 -14.56 -20.39 4.23
N ASN A 166 -14.36 -21.56 3.66
CA ASN A 166 -13.23 -22.40 3.96
C ASN A 166 -12.33 -22.28 2.74
N PHE A 167 -11.16 -21.68 2.93
CA PHE A 167 -10.24 -21.51 1.81
C PHE A 167 -9.67 -22.85 1.34
N GLU A 168 -9.51 -23.81 2.25
CA GLU A 168 -8.87 -25.06 1.83
C GLU A 168 -9.81 -25.97 1.04
N THR A 169 -11.12 -25.73 1.09
CA THR A 169 -12.06 -26.54 0.31
C THR A 169 -12.05 -26.17 -1.16
N ARG A 170 -11.70 -24.91 -1.48
CA ARG A 170 -11.54 -24.51 -2.87
C ARG A 170 -10.43 -25.29 -3.56
N GLY A 171 -9.46 -25.79 -2.80
CA GLY A 171 -8.42 -26.63 -3.34
C GLY A 171 -7.53 -25.97 -4.38
N LYS A 172 -7.25 -24.68 -4.21
CA LYS A 172 -6.33 -23.97 -5.10
C LYS A 172 -4.91 -24.07 -4.57
N ARG A 173 -3.96 -23.75 -5.44
CA ARG A 173 -2.55 -23.74 -5.07
C ARG A 173 -2.24 -22.49 -4.23
N GLY A 174 -1.15 -22.57 -3.44
CA GLY A 174 -0.65 -21.42 -2.67
C GLY A 174 -1.71 -20.74 -1.79
N GLN A 175 -1.82 -19.43 -1.92
CA GLN A 175 -2.86 -18.68 -1.22
C GLN A 175 -3.88 -18.11 -2.21
N ASP A 176 -4.11 -18.79 -3.35
CA ASP A 176 -4.92 -18.19 -4.41
C ASP A 176 -6.35 -17.94 -3.95
N ALA A 177 -6.94 -18.90 -3.23
CA ALA A 177 -8.33 -18.75 -2.76
C ALA A 177 -8.47 -17.53 -1.85
N MET A 178 -7.53 -17.35 -0.93
CA MET A 178 -7.61 -16.23 -0.01
C MET A 178 -7.61 -14.90 -0.78
N TYR A 179 -6.69 -14.76 -1.73
CA TYR A 179 -6.57 -13.48 -2.44
C TYR A 179 -7.67 -13.28 -3.46
N GLU A 180 -8.17 -14.34 -4.09
CA GLU A 180 -9.34 -14.17 -4.95
C GLU A 180 -10.55 -13.73 -4.14
N TYR A 181 -10.71 -14.30 -2.94
CA TYR A 181 -11.74 -13.84 -2.02
C TYR A 181 -11.58 -12.37 -1.65
N MET A 182 -10.36 -11.96 -1.23
CA MET A 182 -10.13 -10.58 -0.84
C MET A 182 -10.35 -9.60 -2.00
N ALA A 183 -10.10 -10.04 -3.21
CA ALA A 183 -10.31 -9.18 -4.34
C ALA A 183 -11.76 -8.81 -4.55
N GLN A 184 -12.65 -9.48 -3.84
CA GLN A 184 -14.06 -9.18 -3.96
C GLN A 184 -14.38 -7.91 -3.20
N ALA A 185 -13.38 -7.38 -2.52
CA ALA A 185 -13.57 -6.15 -1.73
C ALA A 185 -13.69 -4.99 -2.71
N CYS A 186 -14.86 -4.91 -3.31
CA CYS A 186 -15.15 -3.89 -4.32
C CYS A 186 -16.50 -4.14 -4.98
N LEU A 199 -7.58 4.15 -11.71
CA LEU A 199 -7.00 2.93 -12.23
C LEU A 199 -7.96 1.75 -12.25
N SER A 200 -8.05 1.03 -13.36
CA SER A 200 -8.91 -0.13 -13.37
C SER A 200 -8.58 -1.02 -12.18
N CYS A 201 -8.90 -2.34 -12.23
CA CYS A 201 -8.65 -3.29 -11.18
C CYS A 201 -7.91 -4.51 -11.66
N ILE A 202 -7.06 -4.99 -10.80
CA ILE A 202 -6.36 -6.19 -11.15
C ILE A 202 -7.05 -7.31 -10.41
N ASN A 203 -7.79 -8.12 -11.15
CA ASN A 203 -8.46 -9.25 -10.60
C ASN A 203 -8.13 -10.36 -11.55
N LEU A 204 -6.97 -10.94 -11.40
CA LEU A 204 -6.54 -11.98 -12.30
C LEU A 204 -6.83 -13.35 -11.81
N ASP A 205 -6.93 -14.27 -12.75
CA ASP A 205 -7.12 -15.68 -12.48
C ASP A 205 -5.74 -16.25 -12.37
N TRP A 206 -5.36 -16.70 -11.19
CA TRP A 206 -3.98 -17.18 -11.03
C TRP A 206 -3.81 -18.65 -11.41
N ASP A 207 -4.88 -19.45 -11.48
CA ASP A 207 -4.72 -20.77 -12.10
C ASP A 207 -4.36 -20.63 -13.56
N VAL A 208 -5.02 -19.71 -14.25
CA VAL A 208 -4.66 -19.45 -15.64
C VAL A 208 -3.21 -18.99 -15.72
N ILE A 209 -2.79 -18.09 -14.82
CA ILE A 209 -1.44 -17.57 -14.88
C ILE A 209 -0.41 -18.66 -14.67
N ARG A 210 -0.64 -19.52 -13.67
CA ARG A 210 0.30 -20.61 -13.38
C ARG A 210 0.42 -21.56 -14.57
N ASP A 211 -0.72 -21.93 -15.17
CA ASP A 211 -0.68 -22.85 -16.31
C ASP A 211 0.03 -22.19 -17.50
N LYS A 212 -0.34 -20.95 -17.81
CA LYS A 212 0.34 -20.20 -18.87
C LYS A 212 1.82 -20.06 -18.59
N THR A 213 2.22 -19.95 -17.32
CA THR A 213 3.63 -19.77 -17.02
C THR A 213 4.41 -21.05 -17.30
N LYS A 214 3.94 -22.18 -16.77
CA LYS A 214 4.59 -23.46 -17.09
C LYS A 214 4.66 -23.69 -18.61
N THR A 215 3.58 -23.38 -19.30
CA THR A 215 3.54 -23.59 -20.75
C THR A 215 4.58 -22.72 -21.45
N LYS A 216 4.65 -21.44 -21.07
CA LYS A 216 5.59 -20.51 -21.68
C LYS A 216 7.04 -20.88 -21.37
N ILE A 217 7.29 -21.39 -20.17
CA ILE A 217 8.66 -21.76 -19.85
C ILE A 217 9.09 -22.95 -20.72
N GLU A 218 8.26 -23.99 -20.74
CA GLU A 218 8.61 -25.15 -21.57
C GLU A 218 8.82 -24.74 -23.02
N SER A 219 7.96 -23.85 -23.52
CA SER A 219 7.98 -23.50 -24.94
C SER A 219 9.16 -22.59 -25.26
N LEU A 220 9.50 -21.67 -24.36
CA LEU A 220 10.65 -20.82 -24.58
C LEU A 220 11.94 -21.62 -24.61
N LYS A 221 12.02 -22.66 -23.76
CA LYS A 221 13.26 -23.41 -23.65
C LYS A 221 13.59 -24.23 -24.89
N GLU A 222 12.65 -24.37 -25.84
CA GLU A 222 12.86 -25.17 -27.04
C GLU A 222 13.15 -24.32 -28.28
N HIS A 223 13.45 -23.03 -28.12
CA HIS A 223 13.89 -22.20 -29.24
C HIS A 223 15.39 -22.30 -29.46
N GLY A 224 15.77 -22.51 -30.72
CA GLY A 224 17.15 -22.43 -31.15
C GLY A 224 17.97 -21.29 -30.57
N PRO A 225 17.55 -20.03 -30.79
CA PRO A 225 18.36 -18.91 -30.26
C PRO A 225 18.51 -18.96 -28.75
N ILE A 226 17.44 -19.26 -28.02
CA ILE A 226 17.52 -19.31 -26.57
C ILE A 226 18.36 -20.51 -26.12
N LYS A 227 18.18 -21.67 -26.77
CA LYS A 227 19.01 -22.83 -26.48
C LYS A 227 20.49 -22.52 -26.67
N ASN A 228 20.81 -21.84 -27.78
CA ASN A 228 22.18 -21.45 -28.06
C ASN A 228 22.69 -20.49 -27.00
N LYS A 229 21.87 -19.52 -26.61
CA LYS A 229 22.31 -18.62 -25.59
C LYS A 229 22.62 -19.40 -24.33
N MET A 230 21.82 -20.41 -24.07
CA MET A 230 22.03 -21.22 -22.90
C MET A 230 23.38 -21.86 -22.91
N SER A 231 23.80 -22.39 -24.05
CA SER A 231 25.09 -23.02 -24.19
C SER A 231 26.20 -22.02 -23.93
N GLU A 232 26.05 -20.84 -24.48
CA GLU A 232 27.00 -19.78 -24.33
C GLU A 232 27.39 -19.46 -22.88
N SER A 233 26.48 -19.66 -21.94
CA SER A 233 26.71 -19.38 -20.54
C SER A 233 28.08 -19.92 -20.11
N PRO A 234 28.81 -19.16 -19.29
CA PRO A 234 29.98 -19.75 -18.57
C PRO A 234 29.60 -21.03 -17.84
N ASN A 235 28.39 -21.10 -17.28
CA ASN A 235 27.97 -22.27 -16.49
C ASN A 235 28.96 -22.51 -15.36
N LYS A 236 29.48 -21.42 -14.79
CA LYS A 236 30.49 -21.44 -13.74
C LYS A 236 30.28 -20.24 -12.84
N THR A 237 30.75 -20.33 -11.60
CA THR A 237 30.76 -19.16 -10.74
C THR A 237 31.69 -18.10 -11.34
N VAL A 238 31.18 -16.87 -11.43
CA VAL A 238 31.86 -15.79 -12.13
C VAL A 238 31.50 -14.51 -11.40
N SER A 239 32.19 -13.42 -11.72
CA SER A 239 31.93 -12.17 -11.03
C SER A 239 30.51 -11.70 -11.29
N GLU A 240 30.03 -10.87 -10.36
CA GLU A 240 28.65 -10.40 -10.39
C GLU A 240 28.39 -9.52 -11.62
N GLU A 241 29.38 -8.75 -12.05
CA GLU A 241 29.20 -7.93 -13.25
C GLU A 241 29.17 -8.80 -14.49
N LYS A 242 30.00 -9.84 -14.56
CA LYS A 242 29.93 -10.73 -15.71
C LYS A 242 28.58 -11.43 -15.76
N ALA A 243 28.10 -11.87 -14.60
CA ALA A 243 26.81 -12.55 -14.56
C ALA A 243 25.70 -11.64 -15.06
N LYS A 244 25.71 -10.38 -14.60
CA LYS A 244 24.69 -9.43 -15.05
C LYS A 244 24.78 -9.17 -16.54
N GLN A 245 26.00 -9.07 -17.08
CA GLN A 245 26.12 -8.87 -18.52
C GLN A 245 25.53 -10.05 -19.28
N TYR A 246 25.88 -11.29 -18.89
CA TYR A 246 25.30 -12.43 -19.60
C TYR A 246 23.79 -12.47 -19.45
N LEU A 247 23.27 -12.23 -18.25
CA LEU A 247 21.82 -12.28 -18.05
C LEU A 247 21.13 -11.21 -18.88
N GLU A 248 21.76 -10.05 -19.02
CA GLU A 248 21.19 -8.98 -19.81
C GLU A 248 21.11 -9.43 -21.25
N GLU A 249 22.18 -10.01 -21.76
CA GLU A 249 22.18 -10.60 -23.11
C GLU A 249 21.04 -11.62 -23.26
N PHE A 250 20.90 -12.53 -22.30
CA PHE A 250 19.85 -13.55 -22.36
C PHE A 250 18.46 -12.92 -22.43
N HIS A 251 18.23 -11.92 -21.59
CA HIS A 251 16.95 -11.24 -21.60
C HIS A 251 16.66 -10.66 -22.99
N GLN A 252 17.65 -9.97 -23.56
CA GLN A 252 17.51 -9.43 -24.91
C GLN A 252 17.17 -10.54 -25.92
N THR A 253 17.78 -11.71 -25.77
CA THR A 253 17.46 -12.81 -26.67
C THR A 253 16.02 -13.28 -26.52
N ALA A 254 15.61 -13.60 -25.28
CA ALA A 254 14.29 -14.21 -25.10
C ALA A 254 13.16 -13.26 -25.51
N LEU A 255 13.29 -11.95 -25.19
CA LEU A 255 12.23 -11.02 -25.53
C LEU A 255 11.97 -10.93 -27.03
N GLU A 256 12.85 -11.50 -27.86
CA GLU A 256 12.65 -11.46 -29.30
C GLU A 256 11.60 -12.44 -29.78
N HIS A 257 11.15 -13.42 -28.89
CA HIS A 257 10.32 -14.54 -29.30
C HIS A 257 8.84 -14.25 -29.06
N PRO A 258 7.98 -14.79 -29.94
CA PRO A 258 6.63 -14.23 -30.07
C PRO A 258 5.77 -14.49 -28.85
N GLU A 259 6.02 -15.58 -28.12
CA GLU A 259 5.34 -15.85 -26.86
C GLU A 259 5.59 -14.77 -25.83
N LEU A 260 6.49 -13.83 -26.10
CA LEU A 260 6.79 -12.72 -25.20
C LEU A 260 6.41 -11.37 -25.81
N SER A 261 5.66 -11.36 -26.91
CA SER A 261 5.49 -10.13 -27.69
C SER A 261 4.83 -9.04 -26.85
N GLU A 262 3.75 -9.38 -26.14
CA GLU A 262 3.10 -8.39 -25.29
C GLU A 262 4.09 -7.84 -24.26
N LEU A 263 4.86 -8.73 -23.61
CA LEU A 263 5.86 -8.26 -22.66
C LEU A 263 6.78 -7.26 -23.33
N LYS A 264 7.30 -7.61 -24.51
CA LYS A 264 8.22 -6.69 -25.17
C LYS A 264 7.61 -5.29 -25.30
N THR A 265 6.32 -5.24 -25.67
CA THR A 265 5.69 -3.94 -25.89
C THR A 265 5.60 -3.14 -24.59
N VAL A 266 5.30 -3.80 -23.47
CA VAL A 266 5.28 -3.03 -22.23
C VAL A 266 6.70 -2.71 -21.81
N THR A 267 7.64 -3.61 -22.12
CA THR A 267 9.03 -3.44 -21.72
C THR A 267 9.58 -2.10 -22.19
N GLY A 268 9.30 -1.73 -23.43
CA GLY A 268 9.86 -0.51 -23.95
C GLY A 268 9.27 0.76 -23.38
N THR A 269 8.09 0.68 -22.75
CA THR A 269 7.49 1.94 -22.31
C THR A 269 8.10 2.48 -21.03
N ASN A 270 9.10 1.81 -20.41
CA ASN A 270 9.55 2.24 -19.09
C ASN A 270 10.91 1.68 -18.71
N PRO A 271 11.88 2.53 -18.36
CA PRO A 271 13.22 2.02 -18.00
C PRO A 271 13.24 1.06 -16.81
N VAL A 272 12.24 1.12 -15.92
CA VAL A 272 12.13 0.17 -14.81
C VAL A 272 12.09 -1.25 -15.32
N PHE A 273 11.65 -1.44 -16.56
CA PHE A 273 11.41 -2.76 -17.15
C PHE A 273 12.55 -3.24 -18.02
N ALA A 274 13.65 -2.49 -18.10
CA ALA A 274 14.70 -2.86 -19.04
C ALA A 274 15.44 -4.11 -18.58
N GLY A 275 16.11 -4.75 -19.54
CA GLY A 275 16.82 -5.96 -19.26
C GLY A 275 17.84 -5.86 -18.15
N ALA A 276 18.49 -4.69 -18.00
CA ALA A 276 19.44 -4.55 -16.90
C ALA A 276 18.77 -4.76 -15.54
N ASN A 277 17.53 -4.29 -15.40
CA ASN A 277 16.85 -4.43 -14.11
C ASN A 277 16.41 -5.89 -13.84
N TYR A 278 15.92 -6.61 -14.88
CA TYR A 278 15.68 -8.06 -14.76
C TYR A 278 16.95 -8.81 -14.39
N ALA A 279 18.05 -8.47 -15.06
CA ALA A 279 19.32 -9.14 -14.76
C ALA A 279 19.71 -8.93 -13.31
N ALA A 280 19.59 -7.69 -12.81
CA ALA A 280 19.99 -7.43 -11.44
C ALA A 280 19.10 -8.15 -10.45
N TRP A 281 17.78 -8.17 -10.72
CA TRP A 281 16.87 -8.96 -9.89
C TRP A 281 17.24 -10.44 -9.89
N ALA A 282 17.47 -11.03 -11.07
CA ALA A 282 17.78 -12.46 -11.13
C ALA A 282 19.09 -12.80 -10.41
N VAL A 283 20.07 -11.92 -10.49
CA VAL A 283 21.32 -12.15 -9.83
C VAL A 283 21.13 -12.03 -8.33
N ASN A 284 20.36 -11.05 -7.92
CA ASN A 284 20.10 -10.87 -6.53
C ASN A 284 19.39 -12.10 -5.94
N VAL A 285 18.42 -12.64 -6.65
CA VAL A 285 17.72 -13.83 -6.20
C VAL A 285 18.68 -14.98 -6.06
N ALA A 286 19.39 -15.31 -7.11
CA ALA A 286 20.35 -16.41 -7.04
C ALA A 286 21.35 -16.23 -5.89
N GLN A 287 21.69 -14.99 -5.55
CA GLN A 287 22.67 -14.78 -4.50
C GLN A 287 22.12 -15.10 -3.13
N VAL A 288 20.81 -14.95 -2.91
CA VAL A 288 20.33 -15.15 -1.55
C VAL A 288 19.62 -16.48 -1.35
N ILE A 289 19.52 -17.33 -2.37
CA ILE A 289 18.77 -18.58 -2.26
C ILE A 289 19.75 -19.73 -2.15
N ASP A 290 19.90 -20.30 -0.96
CA ASP A 290 20.73 -21.49 -0.84
C ASP A 290 19.85 -22.72 -0.89
N SER A 291 20.46 -23.89 -0.76
CA SER A 291 19.74 -25.14 -1.03
C SER A 291 18.64 -25.36 0.00
N GLU A 292 18.90 -25.05 1.27
CA GLU A 292 17.87 -25.19 2.30
C GLU A 292 16.72 -24.24 2.03
N THR A 293 17.04 -23.01 1.62
CA THR A 293 15.97 -22.06 1.38
C THR A 293 15.16 -22.44 0.15
N ALA A 294 15.83 -22.92 -0.89
CA ALA A 294 15.14 -23.30 -2.12
C ALA A 294 14.09 -24.38 -1.90
N ASP A 295 14.30 -25.26 -0.90
CA ASP A 295 13.39 -26.37 -0.62
C ASP A 295 12.19 -25.98 0.23
N ASN A 296 12.11 -24.74 0.73
CA ASN A 296 11.07 -24.38 1.67
C ASN A 296 10.41 -23.09 1.21
N LEU A 297 9.10 -23.17 0.95
CA LEU A 297 8.39 -22.03 0.39
C LEU A 297 8.44 -20.82 1.32
N GLU A 298 8.24 -21.03 2.63
CA GLU A 298 8.21 -19.92 3.57
C GLU A 298 9.55 -19.22 3.60
N LYS A 299 10.64 -19.99 3.65
CA LYS A 299 11.96 -19.38 3.69
C LYS A 299 12.29 -18.69 2.37
N THR A 300 11.89 -19.27 1.25
CA THR A 300 12.07 -18.60 -0.03
C THR A 300 11.37 -17.25 -0.02
N THR A 301 10.12 -17.23 0.46
CA THR A 301 9.30 -16.02 0.44
C THR A 301 9.87 -14.95 1.35
N ALA A 302 10.29 -15.33 2.56
CA ALA A 302 10.95 -14.36 3.44
C ALA A 302 12.20 -13.77 2.79
N ALA A 303 13.01 -14.60 2.10
CA ALA A 303 14.19 -14.07 1.41
C ALA A 303 13.83 -13.14 0.23
N LEU A 304 12.94 -13.58 -0.65
CA LEU A 304 12.59 -12.79 -1.82
C LEU A 304 11.91 -11.51 -1.43
N SER A 305 11.15 -11.53 -0.32
CA SER A 305 10.33 -10.39 0.05
C SER A 305 11.13 -9.21 0.57
N ILE A 306 12.42 -9.35 0.82
CA ILE A 306 13.17 -8.21 1.33
C ILE A 306 14.11 -7.65 0.26
N LEU A 307 14.01 -8.16 -1.03
CA LEU A 307 14.85 -7.70 -2.11
C LEU A 307 14.29 -6.40 -2.73
N PRO A 308 15.15 -5.51 -3.19
CA PRO A 308 14.68 -4.37 -3.99
C PRO A 308 14.40 -4.83 -5.40
N GLY A 309 13.74 -3.98 -6.18
CA GLY A 309 13.68 -4.22 -7.62
C GLY A 309 12.53 -5.08 -8.13
N ILE A 310 11.61 -5.53 -7.27
CA ILE A 310 10.59 -6.48 -7.72
C ILE A 310 9.61 -5.84 -8.71
N GLY A 311 9.54 -4.51 -8.76
CA GLY A 311 8.64 -3.84 -9.70
C GLY A 311 9.01 -4.06 -11.14
N SER A 312 10.27 -4.40 -11.41
CA SER A 312 10.68 -4.73 -12.75
C SER A 312 9.97 -6.00 -13.24
N VAL A 313 9.99 -7.06 -12.43
CA VAL A 313 9.28 -8.28 -12.75
C VAL A 313 7.77 -8.06 -12.71
N MET A 314 7.30 -7.21 -11.81
CA MET A 314 5.86 -7.03 -11.68
C MET A 314 5.29 -6.05 -12.69
N GLY A 315 6.13 -5.32 -13.40
CA GLY A 315 5.64 -4.26 -14.27
C GLY A 315 4.88 -3.19 -13.51
N ILE A 316 5.38 -2.79 -12.36
CA ILE A 316 4.72 -1.79 -11.54
C ILE A 316 5.66 -0.61 -11.41
N ALA A 317 5.21 0.54 -11.90
CA ALA A 317 5.98 1.77 -11.83
C ALA A 317 5.02 2.94 -11.95
N ASP A 318 5.40 4.07 -11.35
CA ASP A 318 4.65 5.31 -11.48
C ASP A 318 3.23 5.18 -10.93
N GLY A 319 2.98 4.29 -9.97
CA GLY A 319 1.64 4.20 -9.41
C GLY A 319 0.68 3.29 -10.17
N ALA A 320 1.14 2.61 -11.20
CA ALA A 320 0.26 1.83 -12.05
C ALA A 320 0.82 0.43 -12.22
N VAL A 321 -0.09 -0.55 -12.30
CA VAL A 321 0.30 -1.93 -12.59
C VAL A 321 0.20 -2.15 -14.09
N HIS A 322 1.34 -2.11 -14.76
CA HIS A 322 1.37 -2.22 -16.22
C HIS A 322 1.22 -3.65 -16.70
N HIS A 323 1.67 -4.64 -15.93
CA HIS A 323 1.45 -6.04 -16.31
C HIS A 323 0.09 -6.42 -15.74
N ASN A 324 -0.95 -6.11 -16.51
CA ASN A 324 -2.31 -6.17 -16.00
C ASN A 324 -3.16 -7.23 -16.66
N THR A 325 -2.57 -8.15 -17.44
CA THR A 325 -3.31 -9.28 -17.97
C THR A 325 -2.59 -10.58 -17.63
N GLU A 326 -3.38 -11.65 -17.51
CA GLU A 326 -2.82 -12.97 -17.23
C GLU A 326 -1.70 -13.31 -18.22
N GLU A 327 -1.83 -12.86 -19.46
CA GLU A 327 -0.85 -13.16 -20.48
C GLU A 327 0.50 -12.46 -20.19
N ILE A 328 0.48 -11.14 -19.93
CA ILE A 328 1.74 -10.44 -19.70
C ILE A 328 2.39 -10.90 -18.41
N VAL A 329 1.58 -11.10 -17.36
CA VAL A 329 2.13 -11.55 -16.08
C VAL A 329 2.79 -12.90 -16.23
N ALA A 330 2.12 -13.84 -16.91
CA ALA A 330 2.74 -15.14 -17.13
C ALA A 330 4.01 -15.02 -17.96
N GLN A 331 4.04 -14.11 -18.93
CA GLN A 331 5.26 -13.92 -19.70
C GLN A 331 6.39 -13.40 -18.82
N SER A 332 6.09 -12.43 -17.93
CA SER A 332 7.18 -11.88 -17.12
C SER A 332 7.68 -12.90 -16.11
N ILE A 333 6.78 -13.67 -15.52
CA ILE A 333 7.21 -14.70 -14.58
C ILE A 333 7.97 -15.81 -15.31
N ALA A 334 7.49 -16.23 -16.48
CA ALA A 334 8.22 -17.21 -17.28
C ALA A 334 9.65 -16.75 -17.53
N LEU A 335 9.79 -15.53 -18.03
CA LEU A 335 11.11 -15.01 -18.36
C LEU A 335 11.97 -14.86 -17.13
N SER A 336 11.39 -14.37 -16.03
CA SER A 336 12.17 -14.23 -14.79
C SER A 336 12.64 -15.60 -14.32
N SER A 337 11.77 -16.60 -14.40
CA SER A 337 12.13 -17.96 -14.03
C SER A 337 13.32 -18.46 -14.83
N LEU A 338 13.26 -18.36 -16.17
CA LEU A 338 14.43 -18.88 -16.89
C LEU A 338 15.67 -18.02 -16.64
N MET A 339 15.56 -16.71 -16.40
CA MET A 339 16.75 -15.94 -16.05
C MET A 339 17.36 -16.40 -14.73
N VAL A 340 16.52 -16.67 -13.74
CA VAL A 340 17.02 -17.14 -12.44
C VAL A 340 17.67 -18.52 -12.60
N ALA A 341 17.10 -19.38 -13.47
CA ALA A 341 17.76 -20.65 -13.74
C ALA A 341 19.14 -20.41 -14.32
N GLN A 342 19.26 -19.42 -15.20
CA GLN A 342 20.59 -19.10 -15.73
C GLN A 342 21.52 -18.50 -14.67
N ALA A 343 20.98 -17.77 -13.70
CA ALA A 343 21.86 -17.08 -12.75
C ALA A 343 22.36 -17.98 -11.63
N ILE A 344 21.65 -19.07 -11.32
CA ILE A 344 22.06 -19.89 -10.19
C ILE A 344 23.47 -20.48 -10.35
N PRO A 345 23.83 -21.11 -11.48
CA PRO A 345 25.21 -21.62 -11.61
C PRO A 345 26.27 -20.52 -11.75
N LEU A 346 25.87 -19.28 -12.05
CA LEU A 346 26.82 -18.18 -12.15
C LEU A 346 27.14 -17.55 -10.80
N VAL A 347 26.40 -17.91 -9.76
CA VAL A 347 26.71 -17.44 -8.42
C VAL A 347 27.23 -18.55 -7.49
N GLY A 348 26.90 -19.82 -7.75
CA GLY A 348 27.26 -20.89 -6.84
C GLY A 348 27.16 -22.24 -7.50
N GLU A 349 27.57 -23.26 -6.73
CA GLU A 349 27.63 -24.62 -7.22
C GLU A 349 26.71 -25.59 -6.49
N LEU A 350 26.14 -25.20 -5.36
CA LEU A 350 25.49 -26.16 -4.48
C LEU A 350 23.96 -26.08 -4.52
N VAL A 351 23.36 -25.41 -5.50
CA VAL A 351 21.91 -25.24 -5.55
C VAL A 351 21.35 -25.78 -6.86
N ASP A 352 20.35 -26.67 -6.77
CA ASP A 352 19.70 -27.23 -7.95
C ASP A 352 18.89 -26.17 -8.66
N ILE A 353 19.02 -26.06 -9.98
CA ILE A 353 18.28 -25.00 -10.68
C ILE A 353 16.78 -25.30 -10.74
N GLY A 354 16.35 -26.46 -10.24
CA GLY A 354 14.92 -26.70 -10.10
C GLY A 354 14.20 -25.64 -9.26
N PHE A 355 14.95 -24.85 -8.50
CA PHE A 355 14.32 -23.79 -7.73
C PHE A 355 13.61 -22.78 -8.64
N ALA A 356 14.20 -22.50 -9.81
CA ALA A 356 13.67 -21.51 -10.72
C ALA A 356 12.27 -21.87 -11.18
N ALA A 357 11.99 -23.15 -11.34
CA ALA A 357 10.71 -23.63 -11.84
C ALA A 357 9.68 -23.88 -10.74
N TYR A 358 10.13 -24.15 -9.52
CA TYR A 358 9.24 -24.57 -8.46
C TYR A 358 9.04 -23.40 -7.52
N ASN A 359 9.69 -23.38 -6.35
CA ASN A 359 9.42 -22.41 -5.29
C ASN A 359 9.70 -20.98 -5.70
N PHE A 360 10.59 -20.73 -6.67
CA PHE A 360 10.72 -19.37 -7.17
C PHE A 360 9.39 -18.91 -7.75
N VAL A 361 8.82 -19.72 -8.66
CA VAL A 361 7.54 -19.31 -9.25
C VAL A 361 6.43 -19.25 -8.20
N GLU A 362 6.38 -20.23 -7.31
CA GLU A 362 5.36 -20.25 -6.26
C GLU A 362 5.43 -19.00 -5.38
N SER A 363 6.62 -18.67 -4.92
CA SER A 363 6.83 -17.51 -4.06
C SER A 363 6.51 -16.21 -4.80
N ILE A 364 7.09 -16.02 -5.98
CA ILE A 364 6.86 -14.71 -6.61
C ILE A 364 5.40 -14.53 -6.94
N ILE A 365 4.69 -15.62 -7.28
CA ILE A 365 3.26 -15.50 -7.48
C ILE A 365 2.60 -14.96 -6.23
N ASN A 366 3.06 -15.39 -5.08
CA ASN A 366 2.52 -14.91 -3.85
C ASN A 366 2.82 -13.43 -3.67
N LEU A 367 4.01 -13.00 -4.02
CA LEU A 367 4.34 -11.57 -3.86
C LEU A 367 3.52 -10.69 -4.81
N PHE A 368 3.31 -11.14 -6.05
CA PHE A 368 2.40 -10.47 -6.98
C PHE A 368 1.05 -10.26 -6.30
N GLN A 369 0.49 -11.32 -5.70
CA GLN A 369 -0.85 -11.19 -5.13
C GLN A 369 -0.88 -10.19 -3.98
N VAL A 370 0.14 -10.17 -3.12
CA VAL A 370 0.21 -9.15 -2.09
C VAL A 370 0.19 -7.76 -2.70
N VAL A 371 1.06 -7.49 -3.68
CA VAL A 371 1.16 -6.11 -4.16
C VAL A 371 -0.09 -5.70 -4.98
N HIS A 372 -0.59 -6.60 -5.85
CA HIS A 372 -1.87 -6.36 -6.52
C HIS A 372 -2.96 -6.05 -5.52
N ASN A 373 -2.96 -6.79 -4.38
CA ASN A 373 -3.95 -6.51 -3.35
C ASN A 373 -3.81 -5.07 -2.83
N SER A 374 -2.58 -4.58 -2.66
CA SER A 374 -2.37 -3.20 -2.18
C SER A 374 -2.89 -2.18 -3.18
N TYR A 375 -2.56 -2.37 -4.45
CA TYR A 375 -3.00 -1.41 -5.45
C TYR A 375 -4.51 -1.42 -5.66
N ASN A 376 -5.20 -2.50 -5.28
CA ASN A 376 -6.66 -2.57 -5.40
C ASN A 376 -7.39 -1.87 -4.27
N ARG A 377 -6.71 -1.39 -3.27
CA ARG A 377 -7.31 -0.70 -2.15
C ARG A 377 -7.25 0.81 -2.38
N PRO A 378 -8.26 1.54 -1.91
CA PRO A 378 -8.23 3.01 -2.07
C PRO A 378 -7.07 3.62 -1.32
N ALA A 379 -6.42 4.57 -1.96
CA ALA A 379 -5.29 5.24 -1.40
C ALA A 379 -5.01 6.55 -2.09
N TYR A 380 -4.40 7.47 -1.37
CA TYR A 380 -4.06 8.74 -1.93
C TYR A 380 -2.77 8.69 -2.71
N SER A 381 -2.77 9.32 -3.86
CA SER A 381 -1.60 9.38 -4.69
C SER A 381 -0.60 10.40 -4.16
N PRO A 382 0.62 10.31 -4.62
CA PRO A 382 1.62 11.24 -4.11
C PRO A 382 1.23 12.65 -4.41
N GLY A 383 1.28 13.50 -3.40
CA GLY A 383 0.93 14.87 -3.57
C GLY A 383 -0.52 15.17 -3.26
N HIS A 384 -1.29 14.16 -2.92
CA HIS A 384 -2.68 14.35 -2.58
C HIS A 384 -2.80 14.24 -1.09
N LYS A 385 -3.61 15.10 -0.51
CA LYS A 385 -3.82 15.20 0.92
C LYS A 385 -2.47 15.27 1.61
N THR A 386 -2.19 14.39 2.56
CA THR A 386 -0.88 14.43 3.19
C THR A 386 0.13 13.42 2.72
N GLN A 387 -0.14 12.75 1.63
CA GLN A 387 0.90 11.86 1.11
C GLN A 387 1.95 12.72 0.42
N PRO A 388 3.22 12.51 0.69
CA PRO A 388 4.24 13.33 0.04
C PRO A 388 4.39 13.00 -1.44
N PHE A 389 4.88 13.98 -2.16
CA PHE A 389 5.36 13.81 -3.51
C PHE A 389 6.87 13.72 -3.43
N LEU A 390 7.41 12.58 -3.85
CA LEU A 390 8.83 12.27 -3.75
C LEU A 390 9.38 12.21 -5.14
N HIS A 391 10.46 12.95 -5.40
CA HIS A 391 10.90 13.02 -6.77
C HIS A 391 12.25 13.70 -6.85
N ASP A 392 13.21 13.11 -7.58
CA ASP A 392 14.51 13.71 -7.82
C ASP A 392 15.22 14.06 -6.52
N GLY A 393 14.96 13.33 -5.44
CA GLY A 393 15.60 13.63 -4.17
C GLY A 393 14.87 14.60 -3.27
N TYR A 394 13.82 15.28 -3.76
CA TYR A 394 12.96 16.15 -2.94
C TYR A 394 11.82 15.38 -2.29
N ALA A 395 11.30 15.93 -1.20
CA ALA A 395 9.99 15.57 -0.66
C ALA A 395 9.18 16.82 -0.42
N VAL A 396 7.98 16.87 -0.98
CA VAL A 396 7.09 17.97 -0.67
C VAL A 396 5.77 17.40 -0.22
N SER A 397 5.06 18.17 0.59
CA SER A 397 3.74 17.69 0.97
C SER A 397 2.89 18.82 1.52
N TRP A 398 1.58 18.64 1.48
CA TRP A 398 0.71 19.58 2.14
C TRP A 398 0.92 19.48 3.64
N ASN A 399 1.04 20.62 4.32
CA ASN A 399 1.28 20.55 5.76
C ASN A 399 0.14 19.82 6.47
N THR A 400 -1.10 20.14 6.12
CA THR A 400 -2.29 19.51 6.67
C THR A 400 -3.24 19.24 5.53
N VAL A 401 -4.31 18.48 5.82
CA VAL A 401 -5.30 18.19 4.79
C VAL A 401 -6.05 19.44 4.37
N GLU A 402 -6.40 20.32 5.32
CA GLU A 402 -7.13 21.53 4.94
C GLU A 402 -6.31 22.43 4.02
N ASP A 403 -4.98 22.42 4.14
CA ASP A 403 -4.12 23.20 3.23
C ASP A 403 -4.38 22.84 1.79
N SER A 404 -4.66 21.57 1.50
CA SER A 404 -4.91 21.08 0.15
C SER A 404 -6.29 21.45 -0.37
N ILE A 405 -7.14 22.07 0.42
CA ILE A 405 -8.46 22.49 -0.03
C ILE A 405 -8.44 24.00 -0.28
N ILE A 406 -8.83 24.41 -1.48
CA ILE A 406 -9.03 25.82 -1.80
C ILE A 406 -10.53 26.08 -1.76
N ARG A 407 -11.00 26.73 -0.71
CA ARG A 407 -12.43 27.04 -0.59
C ARG A 407 -12.82 28.20 -1.51
N THR A 408 -14.04 28.15 -2.02
CA THR A 408 -14.49 29.16 -2.95
C THR A 408 -15.90 29.64 -2.61
N GLY A 409 -16.30 30.73 -3.24
CA GLY A 409 -17.62 31.28 -3.00
C GLY A 409 -17.68 32.20 -1.80
N PHE A 410 -16.65 33.01 -1.59
CA PHE A 410 -16.66 34.01 -0.53
C PHE A 410 -15.55 35.00 -0.81
N GLN A 411 -15.76 36.25 -0.38
CA GLN A 411 -14.72 37.27 -0.43
C GLN A 411 -13.81 37.11 0.77
N GLY A 412 -12.49 37.12 0.54
CA GLY A 412 -11.56 36.99 1.62
C GLY A 412 -10.36 36.15 1.23
N GLU A 413 -9.57 35.76 2.23
CA GLU A 413 -8.27 35.16 1.98
C GLU A 413 -8.21 33.74 2.51
N SER A 414 -7.23 33.00 2.02
CA SER A 414 -6.86 31.73 2.64
C SER A 414 -5.34 31.62 2.56
N GLY A 415 -4.79 30.74 3.38
CA GLY A 415 -3.37 30.46 3.34
C GLY A 415 -3.16 28.96 3.27
N HIS A 416 -2.04 28.58 2.66
CA HIS A 416 -1.80 27.18 2.31
C HIS A 416 -0.31 26.89 2.48
N ASP A 417 -0.01 25.93 3.34
CA ASP A 417 1.35 25.58 3.72
C ASP A 417 1.80 24.28 3.07
N ILE A 418 2.97 24.32 2.43
CA ILE A 418 3.60 23.19 1.74
C ILE A 418 5.01 22.99 2.30
N LYS A 419 5.26 21.79 2.85
CA LYS A 419 6.56 21.43 3.40
C LYS A 419 7.46 20.97 2.29
N ILE A 420 8.72 21.41 2.35
CA ILE A 420 9.66 21.09 1.30
C ILE A 420 10.99 20.73 1.93
N THR A 421 11.60 19.64 1.47
CA THR A 421 13.00 19.35 1.83
C THR A 421 13.57 18.41 0.80
N ALA A 422 14.82 17.99 1.02
CA ALA A 422 15.53 17.14 0.11
C ALA A 422 16.38 16.16 0.94
N GLU A 423 16.82 15.09 0.30
CA GLU A 423 17.33 13.95 1.05
C GLU A 423 18.77 14.11 1.50
N ASN A 424 19.62 14.88 0.80
CA ASN A 424 21.02 14.91 1.21
C ASN A 424 21.67 16.27 0.94
N THR A 425 22.34 16.40 -0.20
CA THR A 425 23.03 17.65 -0.55
C THR A 425 22.02 18.75 -0.91
N PRO A 426 22.47 20.01 -0.91
CA PRO A 426 21.52 21.13 -1.11
C PRO A 426 21.00 21.17 -2.53
N LEU A 427 19.69 21.16 -2.65
CA LEU A 427 18.98 21.23 -3.92
C LEU A 427 18.12 22.50 -3.96
N PRO A 428 18.10 23.19 -5.10
CA PRO A 428 17.41 24.49 -5.18
C PRO A 428 15.91 24.35 -5.37
N ILE A 429 15.19 25.36 -4.89
CA ILE A 429 13.79 25.54 -5.25
C ILE A 429 13.74 26.77 -6.15
N ALA A 430 13.38 26.59 -7.44
CA ALA A 430 13.46 27.67 -8.42
C ALA A 430 12.27 28.62 -8.34
N GLY A 431 11.14 28.11 -7.90
CA GLY A 431 9.93 28.90 -7.82
C GLY A 431 8.73 27.97 -7.73
N VAL A 432 7.58 28.52 -8.05
CA VAL A 432 6.34 27.78 -7.90
C VAL A 432 5.31 28.32 -8.89
N LEU A 433 4.59 27.39 -9.53
CA LEU A 433 3.50 27.66 -10.45
C LEU A 433 2.19 27.48 -9.69
N LEU A 434 1.38 28.51 -9.65
CA LEU A 434 0.15 28.61 -8.87
C LEU A 434 -1.05 28.86 -9.79
N PRO A 435 -2.24 28.38 -9.40
CA PRO A 435 -3.44 28.74 -10.13
C PRO A 435 -3.82 30.17 -9.86
N THR A 436 -4.45 30.83 -10.85
CA THR A 436 -5.11 32.10 -10.57
C THR A 436 -6.31 32.27 -11.46
N ILE A 437 -7.29 32.98 -10.91
CA ILE A 437 -8.49 33.42 -11.63
C ILE A 437 -8.80 34.83 -11.16
N PRO A 438 -8.78 35.83 -12.05
CA PRO A 438 -9.14 37.20 -11.66
C PRO A 438 -10.43 37.26 -10.86
N GLY A 439 -10.38 37.96 -9.73
CA GLY A 439 -11.54 38.10 -8.85
C GLY A 439 -11.80 36.92 -7.92
N LYS A 440 -11.80 35.70 -8.45
CA LYS A 440 -12.16 34.55 -7.65
C LYS A 440 -10.98 33.87 -6.97
N LEU A 441 -9.74 34.18 -7.38
CA LEU A 441 -8.57 33.52 -6.81
C LEU A 441 -7.31 34.23 -7.28
N ASP A 442 -6.89 35.26 -6.55
CA ASP A 442 -5.68 35.97 -6.86
C ASP A 442 -4.62 35.67 -5.82
N VAL A 443 -3.37 35.59 -6.26
CA VAL A 443 -2.26 35.40 -5.35
C VAL A 443 -2.01 36.69 -4.59
N ASN A 444 -2.01 36.60 -3.26
CA ASN A 444 -1.55 37.72 -2.46
C ASN A 444 -0.03 37.69 -2.42
N LYS A 445 0.60 38.54 -3.22
CA LYS A 445 2.05 38.45 -3.34
C LYS A 445 2.79 39.09 -2.17
N SER A 446 2.09 39.79 -1.29
CA SER A 446 2.71 40.26 -0.06
C SER A 446 2.85 39.13 0.96
N LYS A 447 1.81 38.31 1.11
CA LYS A 447 1.75 37.30 2.16
C LYS A 447 2.22 35.91 1.69
N THR A 448 2.51 35.73 0.41
CA THR A 448 3.09 34.49 -0.12
C THR A 448 4.61 34.53 0.08
N HIS A 449 5.16 33.47 0.66
CA HIS A 449 6.58 33.50 0.94
C HIS A 449 7.10 32.09 1.13
N ILE A 450 8.41 31.97 1.24
CA ILE A 450 8.99 30.68 1.56
C ILE A 450 9.98 30.89 2.70
N SER A 451 9.79 30.12 3.76
CA SER A 451 10.58 30.18 4.98
C SER A 451 11.58 29.02 4.94
N VAL A 452 12.85 29.32 5.06
CA VAL A 452 13.91 28.32 4.96
C VAL A 452 14.65 28.29 6.29
N ASN A 453 14.49 27.20 7.04
CA ASN A 453 14.96 27.11 8.42
C ASN A 453 14.61 28.39 9.17
N GLY A 454 13.41 28.89 8.95
CA GLY A 454 12.93 30.08 9.63
C GLY A 454 13.30 31.40 8.99
N ARG A 455 14.17 31.42 7.97
CA ARG A 455 14.44 32.66 7.20
C ARG A 455 13.31 32.90 6.20
N LYS A 456 12.52 33.95 6.42
CA LYS A 456 11.39 34.21 5.54
C LYS A 456 11.88 34.97 4.31
N ILE A 457 11.66 34.36 3.15
CA ILE A 457 12.08 34.87 1.85
C ILE A 457 10.83 35.25 1.07
N ARG A 458 10.75 36.52 0.65
CA ARG A 458 9.61 36.95 -0.14
C ARG A 458 9.80 36.57 -1.62
N MET A 459 8.75 36.76 -2.40
CA MET A 459 8.65 36.27 -3.76
C MET A 459 8.42 37.43 -4.73
N ARG A 460 8.78 37.18 -5.97
CA ARG A 460 8.43 38.03 -7.11
C ARG A 460 7.64 37.18 -8.09
N CYS A 461 6.42 37.61 -8.38
CA CYS A 461 5.54 36.85 -9.22
C CYS A 461 5.07 37.59 -10.44
N ARG A 462 4.84 36.80 -11.48
CA ARG A 462 4.35 37.27 -12.74
C ARG A 462 3.32 36.33 -13.27
N ALA A 463 2.37 36.87 -14.00
CA ALA A 463 1.33 36.06 -14.56
C ALA A 463 1.79 35.45 -15.84
N ILE A 464 1.33 34.25 -16.09
CA ILE A 464 1.61 33.52 -17.28
C ILE A 464 0.25 33.13 -17.78
N ASP A 465 -0.04 33.50 -19.00
CA ASP A 465 -1.35 33.34 -19.58
C ASP A 465 -2.38 34.02 -18.67
N GLY A 466 -3.47 33.36 -18.38
CA GLY A 466 -4.46 33.98 -17.54
C GLY A 466 -4.74 33.22 -16.29
N ASP A 467 -4.38 31.97 -16.27
CA ASP A 467 -4.70 31.15 -15.14
C ASP A 467 -3.53 30.62 -14.37
N VAL A 468 -2.35 31.18 -14.53
CA VAL A 468 -1.18 30.72 -13.82
C VAL A 468 -0.31 31.89 -13.35
N THR A 469 0.15 31.85 -12.11
CA THR A 469 1.06 32.83 -11.61
C THR A 469 2.34 32.09 -11.24
N PHE A 470 3.47 32.58 -11.71
CA PHE A 470 4.74 31.97 -11.41
C PHE A 470 5.52 32.86 -10.49
N CYS A 471 5.89 32.33 -9.34
CA CYS A 471 6.62 33.07 -8.32
C CYS A 471 8.01 32.52 -8.06
N ARG A 472 8.99 33.40 -8.01
CA ARG A 472 10.34 33.02 -7.72
C ARG A 472 10.78 33.65 -6.40
N PRO A 473 11.58 32.96 -5.60
CA PRO A 473 12.08 33.58 -4.37
C PRO A 473 13.02 34.76 -4.66
N LYS A 474 13.01 35.72 -3.77
CA LYS A 474 13.90 36.87 -3.90
C LYS A 474 15.30 36.65 -3.29
N SER A 475 15.55 35.52 -2.64
CA SER A 475 16.88 35.05 -2.30
C SER A 475 16.90 33.58 -2.69
N PRO A 476 18.07 33.01 -2.95
CA PRO A 476 18.11 31.63 -3.45
C PRO A 476 17.69 30.68 -2.34
N VAL A 477 16.84 29.76 -2.71
CA VAL A 477 16.34 28.73 -1.80
C VAL A 477 17.03 27.42 -2.12
N TYR A 478 17.60 26.79 -1.07
CA TYR A 478 18.09 25.42 -1.14
C TYR A 478 17.54 24.61 0.04
N VAL A 479 17.34 23.31 -0.17
CA VAL A 479 16.87 22.43 0.90
C VAL A 479 17.70 21.15 0.86
N GLY A 480 17.71 20.45 1.99
CA GLY A 480 18.50 19.22 2.06
C GLY A 480 18.50 18.68 3.48
N ASN A 481 19.39 17.72 3.71
CA ASN A 481 19.52 17.17 5.05
C ASN A 481 19.81 18.32 6.02
N GLY A 482 18.87 18.61 6.90
CA GLY A 482 19.05 19.72 7.82
C GLY A 482 18.58 21.08 7.36
N VAL A 483 18.09 21.21 6.13
CA VAL A 483 17.55 22.48 5.68
C VAL A 483 16.20 22.20 5.08
N HIS A 484 15.17 22.73 5.69
CA HIS A 484 13.82 22.51 5.18
C HIS A 484 13.14 23.86 4.99
N ALA A 485 12.04 23.84 4.24
CA ALA A 485 11.33 25.04 3.88
C ALA A 485 9.84 24.86 4.09
N ASN A 486 9.16 25.97 4.35
CA ASN A 486 7.72 26.05 4.32
C ASN A 486 7.37 27.07 3.25
N LEU A 487 6.73 26.60 2.20
CA LEU A 487 6.09 27.47 1.21
C LEU A 487 4.68 27.81 1.70
N HIS A 488 4.41 29.10 1.88
CA HIS A 488 3.11 29.58 2.32
C HIS A 488 2.51 30.33 1.14
N VAL A 489 1.36 29.86 0.65
CA VAL A 489 0.65 30.47 -0.48
C VAL A 489 -0.59 31.17 0.06
N ALA A 490 -0.69 32.46 -0.16
CA ALA A 490 -1.85 33.23 0.27
C ALA A 490 -2.68 33.60 -0.95
N PHE A 491 -3.95 33.23 -0.96
CA PHE A 491 -4.87 33.60 -2.02
C PHE A 491 -5.84 34.65 -1.49
N HIS A 492 -6.23 35.55 -2.38
CA HIS A 492 -7.24 36.56 -2.06
C HIS A 492 -8.38 36.49 -3.07
N ARG A 493 -9.60 36.68 -2.56
CA ARG A 493 -10.82 36.48 -3.33
C ARG A 493 -11.64 37.77 -3.24
N SER A 494 -11.68 38.52 -4.33
CA SER A 494 -12.48 39.74 -4.35
C SER A 494 -13.94 39.51 -4.73
N SER A 495 -14.28 38.32 -5.22
CA SER A 495 -15.66 37.98 -5.57
C SER A 495 -16.13 36.80 -4.73
N SER A 496 -17.43 36.78 -4.43
CA SER A 496 -18.02 35.63 -3.78
C SER A 496 -18.52 34.59 -4.77
N GLU A 497 -18.27 34.82 -6.06
CA GLU A 497 -18.62 33.84 -7.09
C GLU A 497 -17.76 32.58 -6.96
N LYS A 498 -18.40 31.44 -7.09
CA LYS A 498 -17.73 30.15 -6.94
C LYS A 498 -16.83 29.86 -8.13
N ILE A 499 -15.62 29.40 -7.85
CA ILE A 499 -14.71 28.96 -8.91
C ILE A 499 -15.37 27.85 -9.72
N HIS A 500 -15.27 27.94 -11.05
CA HIS A 500 -15.80 26.95 -11.98
C HIS A 500 -14.67 26.15 -12.61
N SER A 501 -14.84 24.82 -12.64
CA SER A 501 -13.73 23.87 -12.80
C SER A 501 -13.08 23.92 -14.17
N ASN A 502 -13.35 24.96 -14.96
CA ASN A 502 -12.61 25.16 -16.19
C ASN A 502 -12.03 26.56 -16.25
N GLU A 503 -12.16 27.35 -15.18
CA GLU A 503 -11.35 28.53 -15.03
C GLU A 503 -9.92 28.19 -14.62
N ILE A 504 -9.63 26.90 -14.46
CA ILE A 504 -8.35 26.38 -13.97
C ILE A 504 -7.89 25.31 -14.94
N SER A 505 -6.62 25.33 -15.32
CA SER A 505 -6.17 24.34 -16.28
C SER A 505 -5.31 23.25 -15.67
N SER A 506 -4.96 23.35 -14.38
CA SER A 506 -4.35 22.25 -13.66
C SER A 506 -4.95 22.14 -12.28
N ASP A 507 -4.94 20.91 -11.75
CA ASP A 507 -5.40 20.65 -10.40
C ASP A 507 -4.22 20.56 -9.41
N SER A 508 -3.08 21.20 -9.72
CA SER A 508 -1.92 21.10 -8.83
C SER A 508 -1.14 22.40 -8.77
N ILE A 509 -0.58 22.66 -7.61
CA ILE A 509 0.51 23.62 -7.45
C ILE A 509 1.83 22.95 -7.82
N GLY A 510 2.57 23.60 -8.71
CA GLY A 510 3.83 23.09 -9.20
C GLY A 510 5.06 23.72 -8.58
N VAL A 511 5.63 23.12 -7.54
CA VAL A 511 6.93 23.54 -7.02
C VAL A 511 8.03 23.12 -8.00
N LEU A 512 8.91 24.05 -8.33
CA LEU A 512 9.95 23.78 -9.30
C LEU A 512 11.28 23.61 -8.60
N GLY A 513 11.93 22.49 -8.87
CA GLY A 513 13.25 22.21 -8.33
C GLY A 513 14.34 22.50 -9.32
N TYR A 514 15.42 21.72 -9.25
CA TYR A 514 16.58 22.08 -10.06
C TYR A 514 16.32 21.88 -11.54
N GLN A 515 17.12 22.60 -12.32
CA GLN A 515 17.06 22.59 -13.77
C GLN A 515 17.82 21.40 -14.30
N LYS A 516 17.22 20.74 -15.28
CA LYS A 516 17.81 19.58 -15.93
C LYS A 516 17.32 19.59 -17.36
N THR A 517 17.88 18.70 -18.18
CA THR A 517 17.48 18.64 -19.57
C THR A 517 16.74 17.33 -19.82
N VAL A 518 15.49 17.44 -20.24
CA VAL A 518 14.63 16.31 -20.54
C VAL A 518 14.40 16.33 -22.04
N ASP A 519 14.99 15.37 -22.76
CA ASP A 519 14.86 15.27 -24.21
C ASP A 519 15.26 16.59 -24.86
N HIS A 520 16.50 17.01 -24.58
CA HIS A 520 17.11 18.17 -25.23
C HIS A 520 16.32 19.47 -24.98
N THR A 521 15.64 19.57 -23.84
CA THR A 521 15.00 20.82 -23.42
C THR A 521 15.25 21.04 -21.94
N LYS A 522 15.57 22.27 -21.57
CA LYS A 522 15.83 22.61 -20.17
C LYS A 522 14.52 22.90 -19.44
N VAL A 523 14.26 22.12 -18.38
CA VAL A 523 13.05 22.23 -17.59
C VAL A 523 13.46 22.06 -16.14
N ASN A 524 12.60 22.53 -15.24
CA ASN A 524 12.79 22.30 -13.80
C ASN A 524 12.14 21.01 -13.35
N SER A 525 12.80 20.33 -12.43
CA SER A 525 12.18 19.22 -11.72
C SER A 525 10.82 19.65 -11.17
N LYS A 526 9.79 18.87 -11.45
CA LYS A 526 8.43 19.27 -11.09
C LYS A 526 7.93 18.51 -9.87
N LEU A 527 7.49 19.25 -8.85
CA LEU A 527 7.03 18.67 -7.59
C LEU A 527 5.59 19.13 -7.39
N SER A 528 4.62 18.22 -7.48
CA SER A 528 3.21 18.62 -7.56
C SER A 528 2.46 18.42 -6.26
N LEU A 529 1.72 19.44 -5.87
CA LEU A 529 0.80 19.33 -4.74
C LEU A 529 -0.60 19.48 -5.27
N PHE A 530 -1.39 18.40 -5.21
CA PHE A 530 -2.74 18.42 -5.79
C PHE A 530 -3.75 19.02 -4.83
N PHE A 531 -4.59 19.92 -5.32
CA PHE A 531 -5.59 20.58 -4.50
C PHE A 531 -6.97 20.21 -5.02
N GLU A 532 -7.95 20.53 -4.22
CA GLU A 532 -9.35 20.31 -4.50
C GLU A 532 -10.12 21.58 -4.28
N ILE A 533 -10.90 21.99 -5.25
CA ILE A 533 -11.68 23.19 -5.04
C ILE A 533 -12.99 22.78 -4.45
N LYS A 534 -13.51 23.34 -3.41
CA LYS A 534 -14.67 22.98 -2.61
C LYS A 534 -15.46 24.14 -2.03
N SER A 535 -16.67 23.78 -1.65
CA SER A 535 -17.60 24.65 -1.02
C SER A 535 -18.53 25.36 -1.97
#